data_4RLP
#
_entry.id   4RLP
#
_cell.length_a   62.130
_cell.length_b   126.371
_cell.length_c   110.571
_cell.angle_alpha   90.00
_cell.angle_beta   90.00
_cell.angle_gamma   90.00
#
_symmetry.space_group_name_H-M   'C 2 2 21'
#
loop_
_entity.id
_entity.type
_entity.pdbx_description
1 polymer p70S6K1
2 non-polymer "[(amino-kappaN)methanethiolato](3-fluoro-9-methoxypyrido[2,3-a]pyrrolo[3,4-c]carbazole-5,7(6H,12H)-dionato-kappa~2~N,N')(N-methyl-1,4,7-trithiecan-9-amine-kappa~3~S~1~,S~4~,S~7~)ruthenium"
3 non-polymer 'CHLORIDE ION'
4 water water
#
_entity_poly.entity_id   1
_entity_poly.type   'polypeptide(L)'
_entity_poly.pdbx_seq_one_letter_code
;KIRPECFELLRVLGKGGYGKVFQVRKVTGANTGKIFAMKVLKKAMIVRNAKDTAHTKAERNILEEVKHPFIVDLIYAFQT
GGKLYLILEYLSGGELFMQLEREGIFMEDTACFYLAEISMALGHLHQKGIIYRDLKPENIMLNHQGHVKLTDFGLCKESI
HDGTVTHTFCGTIEYMAPEILMRSGHNRAVDWWSLGALMYDMLTGAPPFTGENRKKTIDKILKCKLNLPPYLTQEARDLL
KKLLKRNAASRLGAGPGDAGEVQAHPFFRHINWEELLARKVEPPFKPL
;
_entity_poly.pdbx_strand_id   A
#
# COMPACT_ATOMS: atom_id res chain seq x y z
N LYS A 1 10.73 -27.26 -15.81
CA LYS A 1 10.35 -25.99 -16.40
C LYS A 1 8.97 -25.55 -15.92
N ILE A 2 8.63 -24.29 -16.20
CA ILE A 2 7.35 -23.74 -15.79
C ILE A 2 6.67 -23.11 -16.98
N ARG A 3 5.38 -23.39 -17.15
CA ARG A 3 4.63 -22.88 -18.28
C ARG A 3 3.23 -22.59 -17.84
N PRO A 4 2.47 -21.90 -18.66
CA PRO A 4 1.11 -21.53 -18.31
C PRO A 4 0.34 -22.80 -18.07
N GLU A 5 0.75 -23.85 -18.77
CA GLU A 5 0.10 -25.16 -18.70
C GLU A 5 0.22 -25.74 -17.31
N CYS A 6 1.24 -25.29 -16.59
CA CYS A 6 1.52 -25.77 -15.24
C CYS A 6 0.45 -25.39 -14.24
N PHE A 7 -0.34 -24.39 -14.57
CA PHE A 7 -1.31 -23.85 -13.63
C PHE A 7 -2.74 -23.98 -14.10
N GLU A 8 -3.63 -24.26 -13.17
CA GLU A 8 -5.05 -24.35 -13.44
C GLU A 8 -5.79 -23.17 -12.84
N LEU A 9 -6.70 -22.58 -13.60
CA LEU A 9 -7.38 -21.37 -13.17
C LEU A 9 -8.65 -21.68 -12.44
N LEU A 10 -8.69 -21.33 -11.17
CA LEU A 10 -9.87 -21.52 -10.38
C LEU A 10 -10.84 -20.39 -10.62
N ARG A 11 -10.36 -19.15 -10.53
CA ARG A 11 -11.19 -18.00 -10.78
C ARG A 11 -10.34 -16.78 -11.05
N VAL A 12 -11.01 -15.67 -11.35
CA VAL A 12 -10.35 -14.41 -11.64
C VAL A 12 -10.43 -13.47 -10.45
N LEU A 13 -9.30 -13.10 -9.92
CA LEU A 13 -9.25 -12.30 -8.74
C LEU A 13 -9.50 -10.85 -9.05
N GLY A 14 -8.90 -10.38 -10.13
CA GLY A 14 -9.15 -9.05 -10.58
C GLY A 14 -8.72 -8.76 -11.99
N LYS A 15 -9.52 -7.95 -12.67
CA LYS A 15 -9.11 -7.36 -13.91
C LYS A 15 -8.34 -6.16 -13.50
N GLY A 16 -7.23 -5.89 -14.16
CA GLY A 16 -6.36 -4.84 -13.68
C GLY A 16 -6.09 -3.80 -14.72
N GLY A 17 -5.00 -3.08 -14.53
CA GLY A 17 -4.56 -2.18 -15.56
C GLY A 17 -3.83 -3.04 -16.56
N TYR A 18 -4.45 -3.25 -17.72
CA TYR A 18 -3.82 -4.03 -18.77
C TYR A 18 -3.33 -5.33 -18.21
N GLY A 19 -3.88 -5.72 -17.08
CA GLY A 19 -3.47 -6.93 -16.43
C GLY A 19 -4.58 -7.62 -15.69
N LYS A 20 -4.64 -8.93 -15.87
CA LYS A 20 -5.59 -9.72 -15.16
C LYS A 20 -4.86 -10.51 -14.10
N VAL A 21 -5.55 -10.84 -13.03
CA VAL A 21 -4.99 -11.63 -11.95
C VAL A 21 -5.89 -12.84 -11.69
N PHE A 22 -5.28 -14.01 -11.67
CA PHE A 22 -6.03 -15.23 -11.50
C PHE A 22 -5.70 -15.91 -10.20
N GLN A 23 -6.61 -16.77 -9.76
CA GLN A 23 -6.32 -17.69 -8.70
C GLN A 23 -6.08 -19.02 -9.38
N VAL A 24 -4.93 -19.61 -9.14
CA VAL A 24 -4.57 -20.81 -9.85
C VAL A 24 -4.09 -21.88 -8.91
N ARG A 25 -4.16 -23.12 -9.37
CA ARG A 25 -3.64 -24.25 -8.65
C ARG A 25 -2.56 -24.86 -9.49
N LYS A 26 -1.43 -25.18 -8.87
CA LYS A 26 -0.36 -25.81 -9.60
C LYS A 26 -0.67 -27.27 -9.84
N VAL A 27 -0.62 -27.66 -11.10
CA VAL A 27 -0.90 -29.04 -11.47
C VAL A 27 0.36 -29.85 -11.73
N THR A 28 1.51 -29.20 -11.62
CA THR A 28 2.76 -29.85 -11.95
C THR A 28 3.83 -29.52 -10.92
N GLY A 29 4.82 -30.40 -10.79
CA GLY A 29 5.94 -30.14 -9.90
C GLY A 29 5.74 -30.69 -8.50
N ALA A 30 6.59 -30.30 -7.59
CA ALA A 30 6.49 -30.76 -6.20
C ALA A 30 5.41 -29.99 -5.47
N ASN A 31 5.15 -28.76 -5.93
CA ASN A 31 4.18 -27.91 -5.29
C ASN A 31 2.78 -28.07 -5.87
N THR A 32 2.53 -29.20 -6.52
CA THR A 32 1.22 -29.43 -7.12
C THR A 32 0.14 -29.44 -6.07
N GLY A 33 -0.97 -28.80 -6.38
CA GLY A 33 -2.08 -28.64 -5.47
C GLY A 33 -1.94 -27.39 -4.65
N LYS A 34 -0.78 -26.77 -4.73
CA LYS A 34 -0.55 -25.50 -4.07
C LYS A 34 -1.31 -24.38 -4.77
N ILE A 35 -1.74 -23.39 -4.00
CA ILE A 35 -2.56 -22.31 -4.52
C ILE A 35 -1.78 -21.02 -4.65
N PHE A 36 -1.97 -20.36 -5.78
CA PHE A 36 -1.18 -19.20 -6.13
C PHE A 36 -2.04 -18.18 -6.83
N ALA A 37 -1.48 -17.02 -7.05
CA ALA A 37 -2.14 -16.00 -7.83
C ALA A 37 -1.28 -15.72 -9.06
N MET A 38 -1.91 -15.67 -10.22
CA MET A 38 -1.19 -15.44 -11.45
C MET A 38 -1.56 -14.09 -12.03
N LYS A 39 -0.54 -13.29 -12.34
CA LYS A 39 -0.73 -11.99 -12.95
C LYS A 39 -0.11 -12.00 -14.33
N VAL A 40 -0.85 -11.48 -15.30
CA VAL A 40 -0.43 -11.58 -16.70
C VAL A 40 -0.39 -10.27 -17.45
N LEU A 41 0.66 -10.08 -18.24
CA LEU A 41 0.79 -8.90 -19.07
C LEU A 41 0.77 -9.28 -20.54
N LYS A 42 0.06 -8.50 -21.35
CA LYS A 42 -0.09 -8.79 -22.77
C LYS A 42 1.21 -8.59 -23.54
N LYS A 43 2.12 -7.81 -22.99
CA LYS A 43 3.41 -7.61 -23.63
C LYS A 43 4.42 -6.96 -22.69
N ARG A 60 8.35 -7.23 -11.72
CA ARG A 60 9.21 -8.38 -11.99
C ARG A 60 10.50 -8.22 -11.21
N ASN A 61 11.50 -7.64 -11.84
CA ASN A 61 12.76 -7.39 -11.17
C ASN A 61 12.47 -6.64 -9.88
N ILE A 62 11.42 -5.83 -9.93
CA ILE A 62 11.02 -5.01 -8.80
C ILE A 62 10.60 -5.89 -7.63
N LEU A 63 9.76 -6.88 -7.95
CA LEU A 63 9.19 -7.80 -6.97
C LEU A 63 10.23 -8.78 -6.42
N GLU A 64 11.13 -9.22 -7.30
CA GLU A 64 12.15 -10.18 -6.94
C GLU A 64 13.08 -9.63 -5.88
N GLU A 65 13.37 -8.34 -5.99
CA GLU A 65 14.38 -7.69 -5.16
C GLU A 65 13.80 -7.20 -3.86
N VAL A 66 12.67 -7.76 -3.45
CA VAL A 66 12.04 -7.39 -2.19
C VAL A 66 11.40 -8.61 -1.55
N LYS A 67 11.87 -8.95 -0.36
CA LYS A 67 11.36 -10.11 0.38
C LYS A 67 10.94 -9.67 1.78
N HIS A 68 9.72 -9.13 1.88
CA HIS A 68 9.26 -8.56 3.12
C HIS A 68 8.00 -9.19 3.62
N PRO A 69 7.86 -9.21 4.94
CA PRO A 69 6.68 -9.73 5.60
C PRO A 69 5.42 -9.03 5.13
N PHE A 70 5.55 -7.76 4.82
CA PHE A 70 4.40 -6.94 4.49
C PHE A 70 4.27 -6.70 3.00
N ILE A 71 5.07 -7.39 2.22
CA ILE A 71 4.98 -7.29 0.76
C ILE A 71 4.84 -8.66 0.12
N VAL A 72 4.01 -8.75 -0.90
CA VAL A 72 3.67 -10.02 -1.52
C VAL A 72 4.88 -10.68 -2.13
N ASP A 73 5.06 -11.96 -1.83
CA ASP A 73 6.17 -12.72 -2.37
C ASP A 73 5.96 -13.09 -3.83
N LEU A 74 7.08 -13.27 -4.53
CA LEU A 74 7.04 -13.72 -5.90
C LEU A 74 7.73 -15.05 -5.99
N ILE A 75 7.03 -16.05 -6.51
CA ILE A 75 7.57 -17.40 -6.58
C ILE A 75 8.17 -17.74 -7.93
N TYR A 76 7.42 -17.50 -8.99
CA TYR A 76 7.90 -17.78 -10.33
C TYR A 76 7.63 -16.59 -11.24
N ALA A 77 8.52 -16.39 -12.20
CA ALA A 77 8.27 -15.44 -13.27
C ALA A 77 8.66 -16.07 -14.58
N PHE A 78 7.82 -15.94 -15.59
CA PHE A 78 8.16 -16.46 -16.90
C PHE A 78 7.49 -15.69 -18.03
N GLN A 79 8.06 -15.82 -19.21
CA GLN A 79 7.66 -15.05 -20.38
C GLN A 79 7.27 -15.95 -21.53
N THR A 80 6.11 -15.69 -22.12
CA THR A 80 5.77 -16.28 -23.39
C THR A 80 5.22 -15.17 -24.27
N GLY A 81 5.58 -15.16 -25.54
CA GLY A 81 5.05 -14.13 -26.39
C GLY A 81 3.55 -14.34 -26.45
N GLY A 82 2.78 -13.27 -26.32
CA GLY A 82 3.33 -11.96 -26.06
C GLY A 82 3.22 -11.61 -24.60
N LYS A 83 2.99 -12.64 -23.79
CA LYS A 83 2.50 -12.48 -22.44
C LYS A 83 3.55 -12.78 -21.38
N LEU A 84 3.49 -12.01 -20.31
CA LEU A 84 4.34 -12.22 -19.16
C LEU A 84 3.50 -12.74 -18.02
N TYR A 85 4.00 -13.76 -17.35
CA TYR A 85 3.27 -14.38 -16.26
C TYR A 85 4.03 -14.20 -14.97
N LEU A 86 3.32 -13.73 -13.95
CA LEU A 86 3.91 -13.61 -12.63
C LEU A 86 3.16 -14.51 -11.68
N ILE A 87 3.88 -15.31 -10.92
CA ILE A 87 3.25 -16.22 -10.00
C ILE A 87 3.50 -15.78 -8.59
N LEU A 88 2.46 -15.28 -7.94
CA LEU A 88 2.59 -14.76 -6.60
C LEU A 88 1.88 -15.63 -5.60
N GLU A 89 2.12 -15.35 -4.33
CA GLU A 89 1.47 -16.07 -3.27
C GLU A 89 0.04 -15.62 -3.18
N TYR A 90 -0.87 -16.55 -2.90
CA TYR A 90 -2.27 -16.21 -2.77
C TYR A 90 -2.55 -15.67 -1.40
N LEU A 91 -3.33 -14.61 -1.32
CA LEU A 91 -3.70 -14.07 -0.04
C LEU A 91 -5.18 -14.28 0.23
N SER A 92 -5.50 -15.10 1.21
CA SER A 92 -6.90 -15.37 1.50
C SER A 92 -7.54 -14.15 2.12
N GLY A 93 -6.76 -13.37 2.85
CA GLY A 93 -7.25 -12.20 3.55
C GLY A 93 -7.90 -11.20 2.63
N GLY A 94 -7.51 -11.21 1.37
CA GLY A 94 -8.07 -10.30 0.39
C GLY A 94 -7.96 -8.85 0.78
N GLU A 95 -8.89 -8.05 0.26
CA GLU A 95 -8.88 -6.61 0.47
C GLU A 95 -9.17 -6.20 1.90
N LEU A 96 -8.52 -5.12 2.33
CA LEU A 96 -8.79 -4.51 3.61
C LEU A 96 -10.07 -3.71 3.48
N PHE A 97 -10.39 -3.34 2.25
CA PHE A 97 -11.56 -2.54 1.95
C PHE A 97 -12.80 -3.27 2.38
N MET A 98 -12.77 -4.58 2.23
CA MET A 98 -13.90 -5.41 2.58
C MET A 98 -14.18 -5.23 4.06
N GLN A 99 -13.11 -5.21 4.85
CA GLN A 99 -13.22 -5.06 6.28
C GLN A 99 -13.73 -3.68 6.62
N LEU A 100 -13.24 -2.68 5.89
CA LEU A 100 -13.66 -1.31 6.09
C LEU A 100 -15.17 -1.20 5.97
N GLU A 101 -15.67 -1.32 4.76
CA GLU A 101 -17.10 -1.16 4.51
C GLU A 101 -17.96 -2.15 5.29
N ARG A 102 -17.38 -3.25 5.74
CA ARG A 102 -18.12 -4.20 6.55
C ARG A 102 -18.63 -3.44 7.75
N GLU A 103 -17.72 -3.00 8.60
CA GLU A 103 -18.04 -2.00 9.58
C GLU A 103 -18.07 -0.71 8.79
N GLY A 104 -18.10 0.42 9.47
CA GLY A 104 -18.09 1.69 8.79
C GLY A 104 -16.79 2.39 9.04
N ILE A 105 -16.30 2.26 10.26
CA ILE A 105 -15.08 2.93 10.64
C ILE A 105 -14.30 2.05 11.58
N PHE A 106 -12.99 2.01 11.38
CA PHE A 106 -12.11 1.27 12.25
C PHE A 106 -11.96 2.06 13.53
N MET A 107 -11.72 1.37 14.61
CA MET A 107 -11.36 2.00 15.86
C MET A 107 -9.93 2.44 15.69
N GLU A 108 -9.50 3.36 16.54
CA GLU A 108 -8.21 4.00 16.37
C GLU A 108 -7.11 2.96 16.43
N ASP A 109 -7.22 2.06 17.39
CA ASP A 109 -6.23 1.01 17.56
C ASP A 109 -6.18 0.04 16.41
N THR A 110 -7.35 -0.31 15.89
CA THR A 110 -7.44 -1.19 14.74
C THR A 110 -6.80 -0.52 13.54
N ALA A 111 -7.06 0.75 13.39
CA ALA A 111 -6.47 1.55 12.33
C ALA A 111 -4.97 1.67 12.46
N CYS A 112 -4.51 1.83 13.69
CA CYS A 112 -3.10 2.01 13.98
C CYS A 112 -2.27 0.80 13.59
N PHE A 113 -2.80 -0.38 13.88
CA PHE A 113 -2.10 -1.61 13.57
C PHE A 113 -1.89 -1.81 12.07
N TYR A 114 -2.95 -1.60 11.29
CA TYR A 114 -2.83 -1.68 9.85
C TYR A 114 -1.92 -0.62 9.30
N LEU A 115 -2.07 0.59 9.82
CA LEU A 115 -1.24 1.70 9.39
C LEU A 115 0.21 1.50 9.75
N ALA A 116 0.44 0.90 10.91
CA ALA A 116 1.79 0.63 11.34
C ALA A 116 2.50 -0.35 10.43
N GLU A 117 1.80 -1.41 10.06
CA GLU A 117 2.36 -2.40 9.16
C GLU A 117 2.66 -1.82 7.79
N ILE A 118 1.75 -0.99 7.29
CA ILE A 118 1.93 -0.35 5.99
C ILE A 118 3.14 0.56 6.01
N SER A 119 3.37 1.21 7.13
CA SER A 119 4.48 2.13 7.27
C SER A 119 5.80 1.40 7.10
N MET A 120 5.87 0.19 7.66
CA MET A 120 7.05 -0.65 7.53
C MET A 120 7.29 -1.08 6.11
N ALA A 121 6.22 -1.43 5.41
CA ALA A 121 6.30 -1.79 4.00
C ALA A 121 6.73 -0.61 3.15
N LEU A 122 6.18 0.56 3.42
CA LEU A 122 6.54 1.77 2.71
C LEU A 122 7.99 2.10 2.95
N GLY A 123 8.43 1.91 4.18
CA GLY A 123 9.80 2.18 4.54
C GLY A 123 10.79 1.31 3.81
N HIS A 124 10.44 0.05 3.65
CA HIS A 124 11.25 -0.89 2.92
C HIS A 124 11.36 -0.53 1.49
N LEU A 125 10.22 -0.22 0.88
CA LEU A 125 10.21 0.10 -0.53
C LEU A 125 11.03 1.34 -0.80
N HIS A 126 10.87 2.34 0.07
CA HIS A 126 11.56 3.61 -0.10
C HIS A 126 13.04 3.39 -0.10
N GLN A 127 13.50 2.52 0.79
CA GLN A 127 14.90 2.16 0.86
C GLN A 127 15.28 1.52 -0.45
N LYS A 128 14.34 0.81 -1.04
CA LYS A 128 14.57 0.09 -2.28
C LYS A 128 14.37 0.98 -3.48
N GLY A 129 14.11 2.26 -3.25
CA GLY A 129 13.87 3.18 -4.33
C GLY A 129 12.49 3.14 -4.95
N ILE A 130 11.52 2.63 -4.22
CA ILE A 130 10.17 2.47 -4.77
C ILE A 130 9.13 3.33 -4.08
N ILE A 131 8.27 3.94 -4.88
CA ILE A 131 7.15 4.72 -4.38
C ILE A 131 5.84 4.08 -4.80
N TYR A 132 4.95 3.81 -3.85
CA TYR A 132 3.64 3.26 -4.19
C TYR A 132 2.74 4.24 -4.91
N ARG A 133 2.70 5.48 -4.43
CA ARG A 133 1.83 6.50 -4.99
C ARG A 133 0.37 6.34 -4.59
N ASP A 134 -0.17 5.15 -4.81
CA ASP A 134 -1.58 4.90 -4.54
C ASP A 134 -1.79 3.99 -3.34
N LEU A 135 -2.56 4.41 -2.38
CA LEU A 135 -2.73 3.63 -1.16
C LEU A 135 -4.19 3.41 -0.86
N LYS A 136 -4.99 3.26 -1.91
CA LYS A 136 -6.40 3.07 -1.73
C LYS A 136 -6.62 1.77 -0.99
N PRO A 137 -7.70 1.68 -0.24
CA PRO A 137 -7.90 0.51 0.62
C PRO A 137 -7.97 -0.73 -0.23
N GLU A 138 -8.33 -0.52 -1.48
CA GLU A 138 -8.41 -1.58 -2.48
C GLU A 138 -7.02 -2.14 -2.70
N ASN A 139 -6.04 -1.26 -2.67
CA ASN A 139 -4.64 -1.63 -2.89
C ASN A 139 -4.08 -2.56 -1.83
N ILE A 140 -4.48 -2.34 -0.59
CA ILE A 140 -3.95 -3.11 0.52
C ILE A 140 -4.64 -4.45 0.66
N MET A 141 -3.86 -5.50 0.83
CA MET A 141 -4.35 -6.86 0.93
C MET A 141 -3.86 -7.49 2.22
N LEU A 142 -4.54 -8.57 2.62
CA LEU A 142 -4.19 -9.26 3.84
C LEU A 142 -3.87 -10.72 3.59
N ASN A 143 -2.97 -11.28 4.40
CA ASN A 143 -2.63 -12.68 4.28
C ASN A 143 -3.52 -13.54 5.18
N HIS A 144 -3.33 -14.85 5.13
CA HIS A 144 -4.12 -15.74 5.94
C HIS A 144 -4.17 -15.30 7.36
N GLN A 145 -3.02 -14.92 7.89
CA GLN A 145 -2.92 -14.45 9.26
C GLN A 145 -3.75 -13.20 9.46
N GLY A 146 -4.03 -12.48 8.38
CA GLY A 146 -4.70 -11.20 8.47
C GLY A 146 -3.81 -9.98 8.52
N HIS A 147 -2.53 -10.20 8.22
CA HIS A 147 -1.56 -9.12 8.16
C HIS A 147 -1.54 -8.49 6.80
N VAL A 148 -1.06 -7.24 6.78
CA VAL A 148 -0.98 -6.44 5.56
C VAL A 148 0.00 -7.01 4.53
N LYS A 149 -0.43 -7.05 3.27
CA LYS A 149 0.46 -7.32 2.16
C LYS A 149 0.27 -6.29 1.06
N LEU A 150 1.37 -5.70 0.60
CA LEU A 150 1.28 -4.66 -0.43
C LEU A 150 1.63 -5.27 -1.77
N THR A 151 0.75 -5.03 -2.73
CA THR A 151 0.59 -5.83 -3.92
C THR A 151 1.05 -5.21 -5.23
N ASP A 152 0.34 -4.20 -5.75
CA ASP A 152 0.53 -3.79 -7.14
C ASP A 152 1.64 -2.83 -7.44
N PHE A 153 2.52 -3.24 -8.34
CA PHE A 153 3.68 -2.46 -8.71
C PHE A 153 3.69 -2.14 -10.20
N GLY A 154 2.59 -1.60 -10.71
CA GLY A 154 2.49 -1.23 -12.10
C GLY A 154 2.58 0.27 -12.28
N LEU A 155 1.76 1.00 -11.55
CA LEU A 155 1.84 2.46 -11.43
C LEU A 155 2.73 2.85 -10.25
N CYS A 156 4.01 2.57 -10.32
CA CYS A 156 4.90 2.86 -9.25
C CYS A 156 6.20 3.47 -9.70
N LYS A 157 6.45 4.72 -9.35
CA LYS A 157 7.67 5.37 -9.79
C LYS A 157 8.83 4.51 -9.34
N GLU A 158 10.04 4.89 -9.73
CA GLU A 158 11.19 4.06 -9.52
C GLU A 158 12.41 4.84 -9.07
N SER A 159 12.20 5.92 -8.33
CA SER A 159 13.31 6.73 -7.85
C SER A 159 14.41 5.86 -7.26
N GLY A 171 22.37 25.43 -13.86
CA GLY A 171 23.50 25.82 -13.03
C GLY A 171 23.08 26.27 -11.64
N THR A 172 22.94 27.57 -11.44
CA THR A 172 22.47 28.11 -10.16
C THR A 172 21.03 27.77 -9.87
N ILE A 173 20.75 27.43 -8.61
CA ILE A 173 19.42 27.01 -8.17
C ILE A 173 18.57 28.11 -7.55
N GLU A 174 19.09 29.32 -7.46
CA GLU A 174 18.44 30.37 -6.70
C GLU A 174 17.06 30.75 -7.21
N TYR A 175 16.86 30.70 -8.51
CA TYR A 175 15.59 31.08 -9.10
C TYR A 175 14.73 29.88 -9.45
N MET A 176 15.17 28.71 -9.02
CA MET A 176 14.45 27.47 -9.27
C MET A 176 13.31 27.29 -8.31
N ALA A 177 12.24 26.69 -8.80
CA ALA A 177 11.05 26.47 -7.99
C ALA A 177 11.27 25.44 -6.92
N PRO A 178 10.56 25.56 -5.81
CA PRO A 178 10.74 24.62 -4.72
C PRO A 178 10.39 23.22 -5.15
N GLU A 179 9.35 23.12 -5.96
CA GLU A 179 8.86 21.83 -6.39
C GLU A 179 9.91 21.10 -7.19
N ILE A 180 10.63 21.85 -8.01
CA ILE A 180 11.70 21.29 -8.82
C ILE A 180 12.83 20.76 -7.95
N LEU A 181 13.16 21.53 -6.92
CA LEU A 181 14.28 21.20 -6.05
C LEU A 181 14.09 19.90 -5.28
N MET A 182 12.86 19.61 -4.90
CA MET A 182 12.61 18.44 -4.08
C MET A 182 12.09 17.25 -4.87
N ARG A 183 12.22 17.31 -6.18
CA ARG A 183 11.78 16.20 -7.00
C ARG A 183 10.32 15.90 -6.72
N SER A 184 9.53 16.95 -6.54
CA SER A 184 8.13 16.82 -6.20
C SER A 184 7.40 15.90 -7.16
N GLY A 185 6.45 15.14 -6.64
CA GLY A 185 5.66 14.25 -7.45
C GLY A 185 6.33 12.93 -7.72
N HIS A 186 7.61 12.88 -7.41
CA HIS A 186 8.37 11.70 -7.64
C HIS A 186 9.32 11.55 -6.51
N ASN A 187 8.77 11.60 -5.32
CA ASN A 187 9.54 11.37 -4.12
C ASN A 187 8.70 10.71 -3.05
N ARG A 188 9.36 10.37 -1.96
CA ARG A 188 8.78 9.55 -0.91
C ARG A 188 7.58 10.19 -0.26
N ALA A 189 7.53 11.51 -0.33
CA ALA A 189 6.53 12.30 0.36
C ALA A 189 5.14 11.95 -0.11
N VAL A 190 5.04 11.58 -1.37
CA VAL A 190 3.75 11.31 -1.97
C VAL A 190 3.07 10.14 -1.29
N ASP A 191 3.85 9.15 -0.93
CA ASP A 191 3.35 7.98 -0.24
C ASP A 191 2.83 8.32 1.13
N TRP A 192 3.53 9.20 1.81
CA TRP A 192 3.15 9.62 3.14
C TRP A 192 1.86 10.36 3.16
N TRP A 193 1.59 11.11 2.12
CA TRP A 193 0.31 11.75 2.00
C TRP A 193 -0.74 10.70 1.92
N SER A 194 -0.49 9.71 1.08
CA SER A 194 -1.48 8.71 0.77
C SER A 194 -1.83 7.98 2.04
N LEU A 195 -0.85 7.79 2.90
CA LEU A 195 -1.07 7.14 4.18
C LEU A 195 -2.02 7.95 5.03
N GLY A 196 -1.88 9.26 5.01
CA GLY A 196 -2.79 10.10 5.77
C GLY A 196 -4.21 9.99 5.27
N ALA A 197 -4.37 9.99 3.96
CA ALA A 197 -5.69 9.89 3.36
C ALA A 197 -6.30 8.56 3.74
N LEU A 198 -5.47 7.54 3.72
CA LEU A 198 -5.91 6.22 4.11
C LEU A 198 -6.30 6.20 5.57
N MET A 199 -5.49 6.85 6.40
CA MET A 199 -5.77 6.90 7.83
C MET A 199 -7.07 7.62 8.06
N TYR A 200 -7.25 8.70 7.33
CA TYR A 200 -8.47 9.50 7.44
C TYR A 200 -9.67 8.68 7.04
N ASP A 201 -9.53 7.93 5.96
CA ASP A 201 -10.62 7.09 5.49
C ASP A 201 -10.99 6.06 6.52
N MET A 202 -9.98 5.43 7.12
CA MET A 202 -10.24 4.39 8.10
C MET A 202 -10.98 4.95 9.29
N LEU A 203 -10.49 6.05 9.81
CA LEU A 203 -11.09 6.68 10.99
C LEU A 203 -12.47 7.29 10.80
N THR A 204 -12.71 7.98 9.69
CA THR A 204 -13.99 8.63 9.47
C THR A 204 -14.93 7.93 8.50
N GLY A 205 -14.42 6.90 7.84
CA GLY A 205 -15.21 6.13 6.90
C GLY A 205 -15.26 6.76 5.54
N ALA A 206 -14.66 7.94 5.42
CA ALA A 206 -14.63 8.64 4.16
C ALA A 206 -13.30 9.32 3.92
N PRO A 207 -12.95 9.49 2.66
CA PRO A 207 -11.71 10.13 2.27
C PRO A 207 -11.70 11.61 2.58
N PRO A 208 -10.53 12.20 2.77
CA PRO A 208 -10.45 13.59 3.21
C PRO A 208 -11.06 14.56 2.23
N PHE A 209 -10.80 14.37 0.94
CA PHE A 209 -11.38 15.25 -0.04
C PHE A 209 -12.15 14.47 -1.09
N THR A 210 -13.44 14.78 -1.17
CA THR A 210 -14.33 14.08 -2.06
C THR A 210 -15.15 15.10 -2.82
N GLY A 211 -15.50 14.78 -4.05
CA GLY A 211 -16.17 15.71 -4.93
C GLY A 211 -17.39 15.14 -5.59
N GLU A 212 -18.23 16.01 -6.12
CA GLU A 212 -19.38 15.57 -6.89
C GLU A 212 -18.82 14.83 -8.10
N ASN A 213 -17.71 15.33 -8.62
CA ASN A 213 -17.05 14.76 -9.79
C ASN A 213 -15.55 14.84 -9.67
N ARG A 214 -14.86 14.21 -10.60
CA ARG A 214 -13.41 14.14 -10.58
C ARG A 214 -12.74 15.52 -10.59
N LYS A 215 -13.15 16.40 -11.50
CA LYS A 215 -12.51 17.70 -11.58
C LYS A 215 -12.73 18.47 -10.29
N LYS A 216 -13.94 18.39 -9.77
CA LYS A 216 -14.26 19.06 -8.52
C LYS A 216 -13.47 18.46 -7.36
N THR A 217 -13.37 17.14 -7.35
CA THR A 217 -12.64 16.43 -6.32
C THR A 217 -11.16 16.80 -6.38
N ILE A 218 -10.61 16.90 -7.57
CA ILE A 218 -9.21 17.23 -7.73
C ILE A 218 -8.94 18.59 -7.13
N ASP A 219 -9.83 19.53 -7.41
CA ASP A 219 -9.67 20.89 -6.94
C ASP A 219 -9.69 20.95 -5.43
N LYS A 220 -10.51 20.11 -4.82
CA LYS A 220 -10.60 20.08 -3.37
C LYS A 220 -9.28 19.63 -2.78
N ILE A 221 -8.68 18.62 -3.39
CA ILE A 221 -7.41 18.08 -2.92
C ILE A 221 -6.33 19.13 -3.01
N LEU A 222 -6.35 19.90 -4.10
CA LEU A 222 -5.39 20.97 -4.29
C LEU A 222 -5.55 22.07 -3.26
N LYS A 223 -6.79 22.45 -2.97
CA LYS A 223 -7.10 23.46 -1.96
C LYS A 223 -6.71 22.98 -0.58
N CYS A 224 -7.00 21.73 -0.32
CA CYS A 224 -6.49 21.05 0.87
C CYS A 224 -6.80 21.77 2.17
N LYS A 225 -8.03 22.26 2.32
CA LYS A 225 -8.40 22.84 3.59
C LYS A 225 -8.92 21.70 4.42
N LEU A 226 -8.05 21.18 5.26
CA LEU A 226 -8.35 19.99 6.02
C LEU A 226 -9.37 20.26 7.10
N ASN A 227 -10.33 19.35 7.25
CA ASN A 227 -11.31 19.43 8.29
C ASN A 227 -11.24 18.19 9.15
N LEU A 228 -11.04 18.36 10.45
CA LEU A 228 -10.89 17.22 11.33
C LEU A 228 -12.07 17.04 12.26
N PRO A 229 -12.65 15.85 12.25
CA PRO A 229 -13.78 15.57 13.12
C PRO A 229 -13.40 15.66 14.58
N PRO A 230 -14.35 16.04 15.42
CA PRO A 230 -14.15 16.19 16.85
C PRO A 230 -13.76 14.90 17.57
N TYR A 231 -14.26 13.77 17.09
CA TYR A 231 -14.09 12.52 17.79
C TYR A 231 -12.68 11.94 17.74
N LEU A 232 -11.82 12.51 16.91
CA LEU A 232 -10.46 12.06 16.81
C LEU A 232 -9.63 12.43 18.02
N THR A 233 -8.63 11.59 18.31
CA THR A 233 -7.69 11.84 19.38
C THR A 233 -6.71 12.92 18.98
N GLN A 234 -5.97 13.46 19.93
CA GLN A 234 -4.98 14.47 19.60
C GLN A 234 -3.97 13.84 18.69
N GLU A 235 -3.65 12.60 18.99
CA GLU A 235 -2.62 11.90 18.25
C GLU A 235 -3.01 11.71 16.80
N ALA A 236 -4.25 11.28 16.59
CA ALA A 236 -4.73 11.08 15.24
C ALA A 236 -4.81 12.39 14.49
N ARG A 237 -5.34 13.42 15.12
CA ARG A 237 -5.47 14.70 14.46
C ARG A 237 -4.12 15.29 14.12
N ASP A 238 -3.18 15.21 15.04
CA ASP A 238 -1.86 15.76 14.80
C ASP A 238 -1.17 15.05 13.66
N LEU A 239 -1.28 13.73 13.62
CA LEU A 239 -0.66 12.95 12.58
C LEU A 239 -1.21 13.27 11.22
N LEU A 240 -2.53 13.37 11.14
CA LEU A 240 -3.18 13.68 9.88
C LEU A 240 -2.75 15.04 9.37
N LYS A 241 -2.67 16.00 10.27
CA LYS A 241 -2.28 17.35 9.91
C LYS A 241 -0.88 17.29 9.34
N LYS A 242 -0.02 16.54 10.01
CA LYS A 242 1.33 16.33 9.54
C LYS A 242 1.44 15.52 8.25
N LEU A 243 0.76 14.39 8.17
CA LEU A 243 0.72 13.63 6.93
C LEU A 243 -0.02 14.34 5.82
N LEU A 244 -1.20 14.85 6.12
CA LEU A 244 -2.06 15.46 5.11
C LEU A 244 -1.78 16.93 4.90
N LYS A 245 -0.56 17.26 4.52
CA LYS A 245 -0.24 18.63 4.24
C LYS A 245 0.40 18.79 2.87
N ARG A 246 -0.09 19.76 2.10
CA ARG A 246 0.20 19.86 0.68
C ARG A 246 1.66 20.07 0.36
N ASN A 247 2.37 20.74 1.25
CA ASN A 247 3.78 20.96 1.02
C ASN A 247 4.54 19.70 1.40
N ALA A 248 5.10 19.05 0.40
CA ALA A 248 5.74 17.75 0.59
C ALA A 248 6.93 17.82 1.52
N ALA A 249 7.66 18.91 1.46
CA ALA A 249 8.88 19.06 2.23
C ALA A 249 8.62 19.02 3.72
N SER A 250 7.50 19.59 4.13
CA SER A 250 7.15 19.68 5.53
C SER A 250 6.33 18.49 6.00
N ARG A 251 6.00 17.61 5.08
CA ARG A 251 5.19 16.44 5.40
C ARG A 251 5.98 15.46 6.25
N LEU A 252 5.29 14.76 7.13
CA LEU A 252 5.92 13.75 7.95
C LEU A 252 6.31 12.56 7.10
N GLY A 253 7.55 12.11 7.27
CA GLY A 253 8.12 11.07 6.45
C GLY A 253 8.75 11.61 5.18
N ALA A 254 8.59 12.90 4.97
CA ALA A 254 9.18 13.60 3.84
C ALA A 254 10.68 13.66 3.94
N GLY A 255 11.14 13.55 5.18
CA GLY A 255 12.52 13.73 5.55
C GLY A 255 13.43 12.55 5.32
N PRO A 256 14.70 12.73 5.62
CA PRO A 256 15.70 11.69 5.45
C PRO A 256 15.42 10.48 6.33
N GLY A 257 14.68 10.71 7.41
CA GLY A 257 14.16 9.68 8.29
C GLY A 257 13.16 8.75 7.64
N ASP A 258 12.35 9.28 6.74
CA ASP A 258 11.33 8.51 6.08
C ASP A 258 10.32 7.93 7.08
N ALA A 259 10.11 6.63 7.05
CA ALA A 259 9.09 6.01 7.87
C ALA A 259 9.41 6.21 9.33
N GLY A 260 10.68 6.48 9.59
CA GLY A 260 11.12 6.68 10.95
C GLY A 260 10.45 7.86 11.55
N GLU A 261 10.26 8.91 10.77
CA GLU A 261 9.61 10.09 11.29
C GLU A 261 8.19 9.78 11.69
N VAL A 262 7.46 9.12 10.81
CA VAL A 262 6.08 8.74 11.07
C VAL A 262 5.91 7.75 12.23
N GLN A 263 6.77 6.76 12.29
CA GLN A 263 6.71 5.74 13.34
C GLN A 263 6.95 6.32 14.72
N ALA A 264 7.79 7.35 14.78
CA ALA A 264 8.13 7.98 16.04
C ALA A 264 6.99 8.83 16.57
N HIS A 265 5.88 8.91 15.85
CA HIS A 265 4.80 9.81 16.25
C HIS A 265 4.03 9.24 17.40
N PRO A 266 3.48 10.08 18.26
CA PRO A 266 2.73 9.59 19.41
C PRO A 266 1.55 8.67 19.07
N PHE A 267 1.11 8.67 17.83
CA PHE A 267 0.02 7.82 17.40
C PHE A 267 0.46 6.38 17.54
N PHE A 268 1.74 6.17 17.32
CA PHE A 268 2.31 4.85 17.22
C PHE A 268 3.09 4.43 18.46
N ARG A 269 2.85 5.11 19.56
CA ARG A 269 3.65 4.95 20.77
C ARG A 269 3.57 3.54 21.33
N HIS A 270 2.38 2.96 21.22
CA HIS A 270 2.12 1.63 21.67
C HIS A 270 2.77 0.53 20.89
N ILE A 271 3.01 0.73 19.61
CA ILE A 271 3.54 -0.34 18.79
C ILE A 271 4.93 -0.74 19.24
N ASN A 272 5.18 -2.04 19.27
CA ASN A 272 6.52 -2.58 19.37
C ASN A 272 6.89 -3.08 17.99
N TRP A 273 7.81 -2.39 17.34
CA TRP A 273 8.14 -2.66 15.96
C TRP A 273 8.77 -3.99 15.72
N GLU A 274 9.59 -4.46 16.65
CA GLU A 274 10.20 -5.76 16.50
C GLU A 274 9.11 -6.81 16.48
N GLU A 275 8.18 -6.67 17.40
CA GLU A 275 7.06 -7.58 17.51
C GLU A 275 6.18 -7.49 16.28
N LEU A 276 5.96 -6.27 15.80
CA LEU A 276 5.15 -6.05 14.61
C LEU A 276 5.76 -6.64 13.36
N LEU A 277 7.07 -6.47 13.24
CA LEU A 277 7.84 -7.00 12.12
C LEU A 277 7.78 -8.51 12.09
N ALA A 278 7.77 -9.09 13.28
CA ALA A 278 7.71 -10.53 13.45
C ALA A 278 6.33 -11.08 13.16
N ARG A 279 5.38 -10.19 13.00
CA ARG A 279 4.00 -10.60 12.83
C ARG A 279 3.54 -11.38 14.04
N LYS A 280 4.08 -11.01 15.19
CA LYS A 280 3.71 -11.61 16.46
C LYS A 280 2.58 -10.85 17.11
N VAL A 281 2.12 -9.80 16.47
CA VAL A 281 1.03 -8.99 17.01
C VAL A 281 -0.25 -9.48 16.39
N GLU A 282 -1.23 -9.76 17.24
CA GLU A 282 -2.43 -10.40 16.79
C GLU A 282 -3.25 -9.43 15.96
N PRO A 283 -3.61 -9.83 14.76
CA PRO A 283 -4.39 -8.99 13.89
C PRO A 283 -5.77 -8.72 14.43
N PRO A 284 -6.30 -7.53 14.18
CA PRO A 284 -7.61 -7.15 14.70
C PRO A 284 -8.70 -8.03 14.13
N PHE A 285 -8.55 -8.39 12.87
CA PHE A 285 -9.45 -9.31 12.24
C PHE A 285 -8.66 -10.47 11.71
N LYS A 286 -9.09 -11.67 12.07
CA LYS A 286 -8.55 -12.88 11.50
C LYS A 286 -9.65 -13.47 10.65
N PRO A 287 -9.45 -13.53 9.33
CA PRO A 287 -10.49 -14.02 8.43
C PRO A 287 -11.05 -15.35 8.92
N LEU A 288 -12.31 -15.33 9.35
CA LEU A 288 -12.97 -16.52 9.85
C LEU A 288 -12.21 -17.05 11.08
#